data_4RE4
#
_entry.id   4RE4
#
_cell.length_a   68.512
_cell.length_b   72.076
_cell.length_c   135.140
_cell.angle_alpha   90.00
_cell.angle_beta   90.00
_cell.angle_gamma   90.00
#
_symmetry.space_group_name_H-M   'P 21 21 21'
#
loop_
_entity.id
_entity.type
_entity.pdbx_description
1 polymer Beta-mannosidase/beta-glucosidase
2 non-polymer 5-HYDROXYMETHYL-3,4-DIHYDROXYPIPERIDINE
3 non-polymer GLYCEROL
4 non-polymer '4-(2-HYDROXYETHYL)-1-PIPERAZINE ETHANESULFONIC ACID'
5 water water
#
_entity_poly.entity_id   1
_entity_poly.type   'polypeptide(L)'
_entity_poly.pdbx_seq_one_letter_code
;AMADITSLYKKAGSAAAPFTYWLNPEIYDAGGLSRRAFPEGFVFGTAASAYQVEGMAKQGGRGPSIWDAFIEKPGTIPNN
ATADVTVDEYHRYKEDVNIMKNMGFDAYRFSISWSRIFPNGTGMVNQEGVDYYNRLIDYMVKKGIKPYANLYHYDLPLAL
HEQYLGWLSPNIVEAFADYADFCFQTFGDRVKDWFTFNEPRCVAALGYDNGFHAPGRCSGCDAGGNSTTEPYLAAHHLIL
SHAAAVKRYREKYQLYQKGRIGILLDFVWYEPFSDSNADRAAAQRARDFHLGWFLDPIIHGRYPYSMLEIVKDRMPTFSD
EESRMVKDSIDYVGINHYTSFYMKDPGPWNLTPTSYQDDWHVGFAYERNGVPIGAQANSYWLYIVPWGINKAVTYVKETY
GNPTMILSENGMDQPGNVSITQGVHDTVRIRYYRNYITELKKAIDDGAKVIGYFAWSLLDNFEWRLGYTSRFGIVYVDYK
TLKRYPKDSAFWFKNMLSSKKRN
;
_entity_poly.pdbx_strand_id   A
#
# COMPACT_ATOMS: atom_id res chain seq x y z
N ALA A 16 -14.71 -29.16 2.26
CA ALA A 16 -15.45 -28.30 1.26
C ALA A 16 -16.18 -29.18 0.24
N ALA A 17 -17.19 -28.63 -0.45
CA ALA A 17 -17.92 -29.35 -1.50
C ALA A 17 -16.99 -29.85 -2.61
N PRO A 18 -17.32 -31.00 -3.24
CA PRO A 18 -16.42 -31.64 -4.22
C PRO A 18 -15.98 -30.72 -5.38
N PHE A 19 -16.85 -29.80 -5.82
CA PHE A 19 -16.48 -28.86 -6.89
C PHE A 19 -15.25 -27.97 -6.57
N THR A 20 -15.02 -27.71 -5.28
CA THR A 20 -13.77 -27.07 -4.81
C THR A 20 -12.51 -27.64 -5.51
N TYR A 21 -12.54 -28.94 -5.82
CA TYR A 21 -11.33 -29.67 -6.26
C TYR A 21 -11.25 -29.96 -7.75
N TRP A 22 -12.20 -29.41 -8.51
CA TRP A 22 -12.10 -29.31 -9.95
C TRP A 22 -10.78 -28.58 -10.34
N LEU A 23 -10.07 -29.14 -11.33
CA LEU A 23 -8.83 -28.55 -11.84
C LEU A 23 -9.14 -27.54 -12.95
N ASN A 24 -8.93 -26.26 -12.63
CA ASN A 24 -9.21 -25.15 -13.55
C ASN A 24 -8.07 -25.09 -14.59
N PRO A 25 -8.37 -25.28 -15.89
CA PRO A 25 -7.29 -25.28 -16.89
C PRO A 25 -6.59 -23.92 -17.04
N GLU A 26 -7.27 -22.84 -16.69
CA GLU A 26 -6.67 -21.49 -16.62
C GLU A 26 -5.35 -21.44 -15.83
N ILE A 27 -5.25 -22.27 -14.80
CA ILE A 27 -4.01 -22.38 -14.00
C ILE A 27 -2.76 -22.60 -14.86
N TYR A 28 -2.91 -23.35 -15.96
CA TYR A 28 -1.76 -23.76 -16.77
C TYR A 28 -1.53 -22.83 -17.95
N ASP A 29 -2.40 -21.85 -18.10
CA ASP A 29 -2.25 -20.81 -19.09
C ASP A 29 -1.50 -19.57 -18.58
N ALA A 30 -0.21 -19.58 -18.78
CA ALA A 30 0.67 -18.52 -18.27
C ALA A 30 0.78 -17.30 -19.18
N GLY A 31 0.17 -17.35 -20.35
CA GLY A 31 0.21 -16.26 -21.34
C GLY A 31 1.61 -15.88 -21.76
N GLY A 32 2.52 -16.85 -21.78
CA GLY A 32 3.92 -16.61 -22.13
C GLY A 32 4.79 -16.01 -21.03
N LEU A 33 4.24 -15.90 -19.81
CA LEU A 33 5.01 -15.38 -18.67
C LEU A 33 5.84 -16.45 -17.97
N SER A 34 7.06 -16.08 -17.61
CA SER A 34 7.94 -16.93 -16.81
C SER A 34 9.02 -16.05 -16.22
N ARG A 35 9.83 -16.61 -15.34
CA ARG A 35 10.94 -15.88 -14.76
C ARG A 35 11.95 -15.41 -15.80
N ARG A 36 12.10 -16.16 -16.90
CA ARG A 36 12.97 -15.80 -18.03
C ARG A 36 12.50 -14.56 -18.79
N ALA A 37 11.19 -14.30 -18.78
CA ALA A 37 10.63 -13.10 -19.38
C ALA A 37 10.96 -11.81 -18.62
N PHE A 38 11.55 -11.95 -17.43
CA PHE A 38 11.87 -10.83 -16.53
C PHE A 38 13.37 -10.69 -16.26
N PRO A 39 13.81 -9.51 -15.79
CA PRO A 39 15.24 -9.31 -15.56
C PRO A 39 15.82 -10.30 -14.54
N GLU A 40 17.12 -10.56 -14.66
CA GLU A 40 17.83 -11.43 -13.74
C GLU A 40 17.69 -10.93 -12.31
N GLY A 41 17.32 -11.84 -11.41
CA GLY A 41 17.18 -11.51 -9.99
C GLY A 41 15.88 -10.81 -9.63
N PHE A 42 14.95 -10.73 -10.59
CA PHE A 42 13.66 -10.11 -10.39
C PHE A 42 12.90 -10.82 -9.26
N VAL A 43 12.38 -10.05 -8.32
CA VAL A 43 11.72 -10.60 -7.15
C VAL A 43 10.19 -10.65 -7.34
N PHE A 44 9.62 -11.83 -7.09
CA PHE A 44 8.16 -12.01 -7.00
C PHE A 44 7.76 -12.29 -5.57
N GLY A 45 6.78 -11.52 -5.07
CA GLY A 45 6.35 -11.69 -3.70
C GLY A 45 4.87 -11.47 -3.53
N THR A 46 4.44 -11.49 -2.27
CA THR A 46 3.10 -11.08 -1.87
C THR A 46 3.26 -10.06 -0.76
N ALA A 47 2.22 -9.26 -0.56
CA ALA A 47 2.26 -8.20 0.41
C ALA A 47 1.06 -8.29 1.34
N ALA A 48 1.27 -7.91 2.60
CA ALA A 48 0.21 -7.80 3.59
C ALA A 48 0.54 -6.65 4.53
N SER A 49 -0.28 -6.44 5.56
CA SER A 49 0.08 -5.50 6.63
C SER A 49 -0.24 -6.08 8.01
N ALA A 50 0.41 -5.51 9.03
CA ALA A 50 0.26 -5.97 10.40
C ALA A 50 -1.19 -6.02 10.84
N TYR A 51 -1.93 -4.92 10.68
CA TYR A 51 -3.29 -4.86 11.21
C TYR A 51 -4.25 -5.78 10.46
N GLN A 52 -4.00 -5.96 9.17
CA GLN A 52 -4.94 -6.71 8.37
C GLN A 52 -4.83 -8.22 8.57
N VAL A 53 -3.65 -8.71 8.95
CA VAL A 53 -3.44 -10.15 9.07
C VAL A 53 -3.03 -10.70 10.45
N GLU A 54 -2.39 -9.88 11.30
CA GLU A 54 -1.78 -10.41 12.54
C GLU A 54 -2.78 -11.02 13.52
N GLY A 55 -3.85 -10.30 13.81
CA GLY A 55 -4.66 -10.57 14.99
C GLY A 55 -3.91 -10.12 16.23
N MET A 56 -4.26 -10.68 17.40
CA MET A 56 -3.67 -10.25 18.68
C MET A 56 -3.62 -8.73 18.80
N ALA A 57 -4.72 -8.07 18.45
CA ALA A 57 -4.79 -6.61 18.44
C ALA A 57 -4.67 -6.02 19.85
N LYS A 58 -5.34 -6.67 20.81
CA LYS A 58 -5.36 -6.21 22.20
C LYS A 58 -4.60 -7.16 23.12
N GLN A 59 -3.64 -7.89 22.55
CA GLN A 59 -2.90 -8.91 23.28
C GLN A 59 -1.43 -8.90 22.92
N GLY A 60 -0.61 -9.57 23.71
CA GLY A 60 0.83 -9.65 23.50
C GLY A 60 1.54 -8.33 23.75
N GLY A 61 0.93 -7.50 24.59
CA GLY A 61 1.54 -6.22 24.97
C GLY A 61 1.31 -5.06 24.01
N ARG A 62 0.63 -5.33 22.89
CA ARG A 62 0.35 -4.32 21.87
C ARG A 62 -0.50 -3.17 22.43
N GLY A 63 -0.03 -1.93 22.23
CA GLY A 63 -0.84 -0.76 22.61
C GLY A 63 -1.90 -0.47 21.56
N PRO A 64 -2.95 0.28 21.92
CA PRO A 64 -3.98 0.58 20.91
C PRO A 64 -3.50 1.55 19.81
N SER A 65 -4.01 1.35 18.60
CA SER A 65 -3.77 2.25 17.48
C SER A 65 -5.03 3.07 17.21
N ILE A 66 -4.91 4.07 16.34
CA ILE A 66 -6.06 4.87 15.92
C ILE A 66 -7.18 4.03 15.29
N TRP A 67 -6.83 2.89 14.68
CA TRP A 67 -7.85 2.02 14.10
C TRP A 67 -8.62 1.26 15.18
N ASP A 68 -7.94 0.88 16.25
CA ASP A 68 -8.59 0.26 17.41
C ASP A 68 -9.70 1.16 17.97
N ALA A 69 -9.42 2.46 18.09
CA ALA A 69 -10.41 3.43 18.54
C ALA A 69 -11.48 3.69 17.48
N PHE A 70 -11.06 3.81 16.22
CA PHE A 70 -11.95 4.15 15.11
C PHE A 70 -13.03 3.09 14.88
N ILE A 71 -12.60 1.83 15.00
CA ILE A 71 -13.45 0.65 14.86
C ILE A 71 -14.52 0.57 15.97
N GLU A 72 -14.23 1.13 17.14
CA GLU A 72 -15.13 1.08 18.29
C GLU A 72 -16.45 1.80 18.07
N LYS A 73 -16.43 2.88 17.30
N LYS A 73 -16.43 2.88 17.30
CA LYS A 73 -17.66 3.58 16.96
CA LYS A 73 -17.64 3.61 16.95
C LYS A 73 -18.55 2.65 16.14
C LYS A 73 -18.54 2.69 16.12
N PRO A 74 -19.81 2.50 16.55
CA PRO A 74 -20.68 1.55 15.85
C PRO A 74 -21.03 1.98 14.42
N GLY A 75 -21.15 1.00 13.54
CA GLY A 75 -21.42 1.24 12.13
C GLY A 75 -20.19 1.50 11.27
N THR A 76 -19.02 1.60 11.88
CA THR A 76 -17.77 1.87 11.15
C THR A 76 -17.40 0.72 10.20
N ILE A 77 -17.44 -0.51 10.72
CA ILE A 77 -17.11 -1.70 9.96
C ILE A 77 -18.39 -2.54 9.79
N PRO A 78 -18.68 -3.01 8.54
CA PRO A 78 -19.83 -3.89 8.27
C PRO A 78 -19.93 -5.03 9.28
N ASN A 79 -21.15 -5.30 9.75
CA ASN A 79 -21.46 -6.32 10.77
C ASN A 79 -20.68 -6.17 12.08
N ASN A 80 -20.21 -4.95 12.34
CA ASN A 80 -19.33 -4.64 13.46
C ASN A 80 -18.14 -5.60 13.66
N ALA A 81 -17.55 -6.03 12.55
CA ALA A 81 -16.36 -6.89 12.57
C ALA A 81 -15.14 -6.15 13.10
N THR A 82 -14.17 -6.89 13.61
CA THR A 82 -12.91 -6.27 14.06
C THR A 82 -11.73 -7.03 13.50
N ALA A 83 -10.55 -6.47 13.67
CA ALA A 83 -9.32 -7.13 13.29
C ALA A 83 -8.59 -7.67 14.54
N ASP A 84 -9.36 -7.95 15.60
CA ASP A 84 -8.80 -8.46 16.85
C ASP A 84 -8.17 -9.82 16.65
N VAL A 85 -8.75 -10.61 15.77
CA VAL A 85 -8.20 -11.93 15.40
C VAL A 85 -7.84 -11.94 13.92
N THR A 86 -8.74 -11.40 13.09
CA THR A 86 -8.61 -11.49 11.62
C THR A 86 -8.17 -12.90 11.20
N VAL A 87 -7.15 -13.02 10.34
CA VAL A 87 -6.70 -14.33 9.87
C VAL A 87 -5.64 -14.93 10.76
N ASP A 88 -5.32 -14.22 11.84
CA ASP A 88 -4.51 -14.73 12.94
C ASP A 88 -3.14 -15.21 12.51
N GLU A 89 -2.46 -14.40 11.69
CA GLU A 89 -1.12 -14.73 11.26
C GLU A 89 -0.14 -14.69 12.44
N TYR A 90 -0.48 -13.96 13.50
CA TYR A 90 0.34 -13.96 14.72
C TYR A 90 0.69 -15.39 15.17
N HIS A 91 -0.28 -16.29 15.07
CA HIS A 91 -0.11 -17.70 15.44
C HIS A 91 0.16 -18.64 14.28
N ARG A 92 -0.42 -18.36 13.12
N ARG A 92 -0.37 -18.29 13.11
CA ARG A 92 -0.26 -19.27 11.98
CA ARG A 92 -0.34 -19.16 11.93
C ARG A 92 0.74 -18.78 10.91
C ARG A 92 0.77 -18.83 10.92
N TYR A 93 1.72 -17.98 11.32
CA TYR A 93 2.75 -17.46 10.40
C TYR A 93 3.56 -18.52 9.68
N LYS A 94 3.78 -19.67 10.33
CA LYS A 94 4.53 -20.76 9.71
C LYS A 94 3.78 -21.30 8.49
N GLU A 95 2.49 -21.62 8.69
CA GLU A 95 1.64 -22.13 7.62
C GLU A 95 1.68 -21.17 6.42
N ASP A 96 1.49 -19.88 6.70
CA ASP A 96 1.44 -18.83 5.68
C ASP A 96 2.73 -18.71 4.88
N VAL A 97 3.85 -18.70 5.59
CA VAL A 97 5.16 -18.67 4.94
C VAL A 97 5.37 -19.95 4.12
N ASN A 98 4.92 -21.08 4.66
CA ASN A 98 4.97 -22.36 3.94
C ASN A 98 4.16 -22.34 2.64
N ILE A 99 3.00 -21.67 2.66
CA ILE A 99 2.18 -21.49 1.44
C ILE A 99 2.94 -20.65 0.39
N MET A 100 3.54 -19.54 0.81
CA MET A 100 4.29 -18.64 -0.07
C MET A 100 5.43 -19.38 -0.74
N LYS A 101 6.16 -20.16 0.07
CA LYS A 101 7.25 -21.01 -0.42
C LYS A 101 6.72 -22.02 -1.43
N ASN A 102 5.70 -22.78 -1.03
N ASN A 102 5.71 -22.79 -1.02
CA ASN A 102 5.11 -23.79 -1.89
CA ASN A 102 5.08 -23.78 -1.89
C ASN A 102 4.59 -23.22 -3.23
C ASN A 102 4.66 -23.18 -3.23
N MET A 103 4.04 -22.00 -3.19
CA MET A 103 3.58 -21.31 -4.42
C MET A 103 4.70 -20.68 -5.26
N GLY A 104 5.94 -20.74 -4.76
CA GLY A 104 7.09 -20.33 -5.56
C GLY A 104 7.50 -18.86 -5.42
N PHE A 105 6.94 -18.16 -4.44
CA PHE A 105 7.28 -16.75 -4.22
C PHE A 105 8.69 -16.57 -3.61
N ASP A 106 9.35 -15.48 -3.98
CA ASP A 106 10.71 -15.18 -3.48
C ASP A 106 10.74 -14.36 -2.21
N ALA A 107 9.64 -13.67 -1.90
CA ALA A 107 9.68 -12.59 -0.92
C ALA A 107 8.31 -12.30 -0.31
N TYR A 108 8.35 -11.63 0.84
CA TYR A 108 7.15 -11.27 1.54
C TYR A 108 7.26 -9.87 2.10
N ARG A 109 6.40 -8.97 1.64
CA ARG A 109 6.33 -7.64 2.21
C ARG A 109 5.28 -7.61 3.29
N PHE A 110 5.76 -7.44 4.52
CA PHE A 110 4.92 -7.35 5.69
C PHE A 110 5.16 -5.97 6.31
N SER A 111 4.33 -5.60 7.28
CA SER A 111 4.60 -4.41 8.07
C SER A 111 4.75 -4.71 9.56
N ILE A 112 5.49 -3.83 10.22
CA ILE A 112 5.72 -3.87 11.65
C ILE A 112 4.73 -2.90 12.27
N SER A 113 3.94 -3.38 13.24
CA SER A 113 3.04 -2.54 14.02
C SER A 113 3.80 -1.68 15.04
N TRP A 114 3.82 -0.38 14.78
CA TRP A 114 4.46 0.59 15.67
C TRP A 114 4.06 0.37 17.14
N SER A 115 2.76 0.25 17.41
CA SER A 115 2.25 0.06 18.77
C SER A 115 2.40 -1.36 19.35
N ARG A 116 2.81 -2.32 18.53
CA ARG A 116 3.25 -3.61 19.05
C ARG A 116 4.69 -3.55 19.57
N ILE A 117 5.48 -2.61 19.04
CA ILE A 117 6.85 -2.42 19.47
C ILE A 117 6.91 -1.38 20.60
N PHE A 118 6.23 -0.26 20.40
CA PHE A 118 6.12 0.80 21.41
C PHE A 118 4.65 1.06 21.70
N PRO A 119 4.10 0.39 22.72
CA PRO A 119 2.67 0.57 23.06
C PRO A 119 2.22 2.03 23.15
N ASN A 120 3.09 2.90 23.67
CA ASN A 120 2.81 4.34 23.80
C ASN A 120 3.33 5.16 22.61
N GLY A 121 4.06 4.51 21.71
CA GLY A 121 4.63 5.21 20.54
C GLY A 121 6.08 5.61 20.74
N THR A 122 6.44 5.89 22.00
CA THR A 122 7.81 6.21 22.40
C THR A 122 8.15 5.47 23.69
N GLY A 123 9.44 5.38 24.02
CA GLY A 123 9.88 4.89 25.33
C GLY A 123 10.04 3.40 25.53
N MET A 124 9.13 2.81 26.30
N MET A 124 9.11 2.82 26.30
CA MET A 124 9.21 1.41 26.71
CA MET A 124 9.10 1.40 26.66
C MET A 124 8.93 0.43 25.55
C MET A 124 8.95 0.49 25.44
N VAL A 125 9.93 -0.39 25.24
CA VAL A 125 9.85 -1.40 24.20
C VAL A 125 9.07 -2.61 24.71
N ASN A 126 8.07 -3.03 23.92
CA ASN A 126 7.33 -4.26 24.19
C ASN A 126 8.10 -5.47 23.64
N GLN A 127 8.83 -6.15 24.52
CA GLN A 127 9.71 -7.25 24.12
C GLN A 127 8.96 -8.41 23.48
N GLU A 128 7.75 -8.68 23.95
CA GLU A 128 6.93 -9.72 23.36
C GLU A 128 6.65 -9.43 21.88
N GLY A 129 6.38 -8.16 21.56
CA GLY A 129 6.19 -7.69 20.18
C GLY A 129 7.44 -7.87 19.33
N VAL A 130 8.58 -7.46 19.87
CA VAL A 130 9.87 -7.68 19.23
C VAL A 130 10.15 -9.17 18.96
N ASP A 131 9.79 -10.03 19.91
CA ASP A 131 9.99 -11.48 19.77
C ASP A 131 9.16 -12.04 18.63
N TYR A 132 7.93 -11.54 18.49
CA TYR A 132 7.08 -11.94 17.36
C TYR A 132 7.75 -11.62 16.02
N TYR A 133 8.17 -10.37 15.82
CA TYR A 133 8.82 -10.02 14.54
C TYR A 133 10.08 -10.82 14.29
N ASN A 134 10.85 -11.04 15.36
CA ASN A 134 12.03 -11.91 15.29
C ASN A 134 11.70 -13.35 14.85
N ARG A 135 10.63 -13.94 15.39
CA ARG A 135 10.16 -15.29 14.97
C ARG A 135 9.75 -15.33 13.50
N LEU A 136 8.95 -14.35 13.09
CA LEU A 136 8.45 -14.28 11.73
C LEU A 136 9.61 -14.18 10.75
N ILE A 137 10.54 -13.26 11.02
CA ILE A 137 11.69 -13.00 10.16
C ILE A 137 12.63 -14.21 10.09
N ASP A 138 12.92 -14.80 11.26
CA ASP A 138 13.82 -15.95 11.32
C ASP A 138 13.28 -17.10 10.49
N TYR A 139 11.99 -17.39 10.61
CA TYR A 139 11.34 -18.44 9.85
C TYR A 139 11.30 -18.14 8.34
N MET A 140 11.03 -16.89 7.96
CA MET A 140 11.05 -16.51 6.55
C MET A 140 12.43 -16.78 5.96
N VAL A 141 13.45 -16.37 6.70
CA VAL A 141 14.85 -16.56 6.31
C VAL A 141 15.16 -18.06 6.21
N LYS A 142 14.77 -18.83 7.23
CA LYS A 142 14.95 -20.29 7.23
C LYS A 142 14.31 -20.93 6.00
N LYS A 143 13.11 -20.46 5.63
CA LYS A 143 12.42 -20.96 4.43
C LYS A 143 12.90 -20.37 3.10
N GLY A 144 13.83 -19.42 3.15
CA GLY A 144 14.33 -18.78 1.93
C GLY A 144 13.41 -17.73 1.29
N ILE A 145 12.51 -17.17 2.10
CA ILE A 145 11.66 -16.03 1.72
C ILE A 145 12.35 -14.72 2.18
N LYS A 146 12.59 -13.81 1.23
CA LYS A 146 13.22 -12.51 1.54
C LYS A 146 12.24 -11.61 2.30
N PRO A 147 12.65 -11.08 3.46
CA PRO A 147 11.78 -10.13 4.18
C PRO A 147 11.88 -8.70 3.64
N TYR A 148 10.72 -8.11 3.33
CA TYR A 148 10.64 -6.69 2.97
C TYR A 148 9.77 -6.10 4.04
N ALA A 149 10.33 -5.20 4.85
CA ALA A 149 9.62 -4.69 6.02
C ALA A 149 9.19 -3.24 5.84
N ASN A 150 7.89 -3.04 5.95
CA ASN A 150 7.28 -1.72 5.97
C ASN A 150 7.07 -1.30 7.42
N LEU A 151 7.47 -0.07 7.76
CA LEU A 151 7.37 0.44 9.13
C LEU A 151 5.99 0.94 9.51
N TYR A 152 5.24 1.47 8.55
CA TYR A 152 3.93 2.06 8.85
C TYR A 152 2.87 1.71 7.82
N HIS A 153 1.79 1.11 8.29
CA HIS A 153 0.66 0.81 7.42
C HIS A 153 -0.65 1.15 8.14
N TYR A 154 -0.94 2.43 8.23
CA TYR A 154 -2.18 3.02 8.81
C TYR A 154 -2.38 2.90 10.31
N ASP A 155 -1.37 2.46 11.04
CA ASP A 155 -1.60 2.06 12.43
C ASP A 155 -0.85 2.92 13.48
N LEU A 156 -1.03 4.24 13.41
CA LEU A 156 -0.46 5.15 14.39
C LEU A 156 -0.84 4.79 15.83
N PRO A 157 0.15 4.68 16.75
CA PRO A 157 -0.20 4.50 18.16
C PRO A 157 -1.18 5.57 18.61
N LEU A 158 -2.29 5.15 19.24
CA LEU A 158 -3.33 6.06 19.69
C LEU A 158 -2.79 7.13 20.64
N ALA A 159 -1.84 6.75 21.50
CA ALA A 159 -1.23 7.68 22.46
C ALA A 159 -0.73 8.97 21.80
N LEU A 160 -0.05 8.83 20.65
CA LEU A 160 0.50 9.98 19.93
C LEU A 160 -0.59 10.85 19.31
N HIS A 161 -1.68 10.21 18.89
CA HIS A 161 -2.85 10.95 18.46
C HIS A 161 -3.53 11.65 19.65
N GLU A 162 -3.56 11.01 20.81
CA GLU A 162 -4.11 11.61 22.03
C GLU A 162 -3.26 12.81 22.50
N GLN A 163 -1.94 12.67 22.46
CA GLN A 163 -1.02 13.73 22.91
C GLN A 163 -1.04 14.98 22.05
N TYR A 164 -0.86 14.83 20.74
CA TYR A 164 -0.68 16.00 19.88
C TYR A 164 -1.29 15.89 18.47
N LEU A 165 -2.36 15.12 18.35
CA LEU A 165 -3.01 14.83 17.05
C LEU A 165 -2.10 14.18 15.98
N GLY A 166 -1.20 13.31 16.42
CA GLY A 166 -0.46 12.40 15.53
C GLY A 166 0.27 13.06 14.37
N TRP A 167 -0.19 12.79 13.14
CA TRP A 167 0.48 13.29 11.92
C TRP A 167 0.37 14.78 11.70
N LEU A 168 -0.50 15.44 12.46
CA LEU A 168 -0.71 16.87 12.33
C LEU A 168 0.28 17.70 13.14
N SER A 169 1.13 17.02 13.92
CA SER A 169 2.13 17.70 14.75
C SER A 169 3.56 17.44 14.27
N PRO A 170 4.40 18.49 14.24
CA PRO A 170 5.81 18.27 13.89
C PRO A 170 6.56 17.38 14.88
N ASN A 171 5.98 17.15 16.07
CA ASN A 171 6.52 16.22 17.07
C ASN A 171 6.60 14.78 16.56
N ILE A 172 5.69 14.42 15.66
CA ILE A 172 5.63 13.07 15.11
C ILE A 172 6.90 12.66 14.36
N VAL A 173 7.61 13.66 13.83
CA VAL A 173 8.75 13.40 12.95
C VAL A 173 9.83 12.62 13.67
N GLU A 174 10.33 13.11 14.81
CA GLU A 174 11.38 12.39 15.54
C GLU A 174 10.86 11.14 16.26
N ALA A 175 9.61 11.17 16.71
CA ALA A 175 8.97 9.96 17.24
C ALA A 175 9.06 8.80 16.23
N PHE A 176 8.72 9.07 14.97
CA PHE A 176 8.82 8.07 13.89
C PHE A 176 10.25 7.62 13.61
N ALA A 177 11.16 8.59 13.47
CA ALA A 177 12.60 8.34 13.26
C ALA A 177 13.18 7.43 14.34
N ASP A 178 12.82 7.70 15.60
CA ASP A 178 13.28 6.90 16.74
C ASP A 178 12.75 5.47 16.65
N TYR A 179 11.48 5.35 16.28
CA TYR A 179 10.85 4.05 16.07
C TYR A 179 11.52 3.29 14.92
N ALA A 180 11.75 3.98 13.81
CA ALA A 180 12.47 3.40 12.66
C ALA A 180 13.87 2.98 13.06
N ASP A 181 14.60 3.91 13.67
CA ASP A 181 15.96 3.66 14.19
C ASP A 181 16.01 2.33 14.97
N PHE A 182 15.09 2.16 15.93
CA PHE A 182 15.01 0.92 16.70
C PHE A 182 14.80 -0.32 15.83
N CYS A 183 13.92 -0.22 14.84
CA CYS A 183 13.69 -1.33 13.92
C CYS A 183 14.92 -1.69 13.08
N PHE A 184 15.67 -0.66 12.67
CA PHE A 184 16.88 -0.90 11.87
C PHE A 184 17.90 -1.68 12.71
N GLN A 185 18.12 -1.25 13.95
CA GLN A 185 19.12 -1.91 14.77
C GLN A 185 18.68 -3.29 15.26
N THR A 186 17.38 -3.48 15.47
CA THR A 186 16.87 -4.77 15.91
C THR A 186 16.80 -5.81 14.78
N PHE A 187 16.29 -5.40 13.62
CA PHE A 187 15.97 -6.35 12.54
C PHE A 187 16.84 -6.24 11.29
N GLY A 188 17.61 -5.16 11.18
CA GLY A 188 18.45 -4.89 10.02
C GLY A 188 19.57 -5.86 9.66
N ASP A 189 19.94 -6.75 10.58
CA ASP A 189 20.95 -7.77 10.25
C ASP A 189 20.41 -8.83 9.27
N ARG A 190 19.09 -9.00 9.24
CA ARG A 190 18.51 -9.87 8.24
C ARG A 190 17.51 -9.22 7.25
N VAL A 191 16.84 -8.14 7.67
CA VAL A 191 16.01 -7.34 6.76
C VAL A 191 16.91 -6.35 6.01
N LYS A 192 16.98 -6.52 4.68
CA LYS A 192 17.84 -5.71 3.83
C LYS A 192 16.99 -4.84 2.91
N ASP A 193 15.68 -4.86 3.13
CA ASP A 193 14.75 -4.07 2.30
C ASP A 193 13.67 -3.46 3.15
N TRP A 194 13.65 -2.13 3.19
CA TRP A 194 12.80 -1.40 4.10
C TRP A 194 11.90 -0.43 3.36
N PHE A 195 10.72 -0.20 3.91
CA PHE A 195 9.87 0.90 3.47
C PHE A 195 9.42 1.64 4.70
N THR A 196 9.37 2.96 4.60
CA THR A 196 8.91 3.78 5.70
C THR A 196 7.38 3.75 5.81
N PHE A 197 6.72 4.05 4.70
CA PHE A 197 5.27 4.20 4.68
C PHE A 197 4.65 3.46 3.52
N ASN A 198 3.47 2.92 3.79
CA ASN A 198 2.59 2.43 2.74
C ASN A 198 1.53 3.49 2.45
N GLU A 199 1.55 4.02 1.23
CA GLU A 199 0.52 4.93 0.75
C GLU A 199 0.26 6.12 1.68
N PRO A 200 1.28 6.99 1.88
CA PRO A 200 1.05 8.19 2.70
C PRO A 200 -0.06 9.08 2.14
N ARG A 201 -0.31 9.02 0.82
CA ARG A 201 -1.44 9.75 0.25
C ARG A 201 -2.76 9.35 0.88
N CYS A 202 -2.93 8.06 1.13
CA CYS A 202 -4.15 7.56 1.73
C CYS A 202 -4.25 7.89 3.20
N VAL A 203 -3.12 7.81 3.89
CA VAL A 203 -3.04 8.24 5.29
C VAL A 203 -3.53 9.68 5.42
N ALA A 204 -3.03 10.57 4.59
CA ALA A 204 -3.45 11.94 4.56
C ALA A 204 -4.86 12.21 4.04
N ALA A 205 -5.24 11.59 2.95
CA ALA A 205 -6.53 11.87 2.37
C ALA A 205 -7.70 11.19 3.02
N LEU A 206 -7.59 9.91 3.31
CA LEU A 206 -8.65 9.18 3.92
C LEU A 206 -8.70 9.49 5.39
N GLY A 207 -7.56 9.76 5.99
CA GLY A 207 -7.50 10.10 7.39
C GLY A 207 -7.93 11.52 7.73
N TYR A 208 -7.71 12.46 6.82
CA TYR A 208 -7.84 13.89 7.14
C TYR A 208 -8.68 14.72 6.16
N ASP A 209 -9.02 14.14 5.00
CA ASP A 209 -9.81 14.88 4.01
C ASP A 209 -11.29 14.49 4.03
N ASN A 210 -11.56 13.19 4.02
CA ASN A 210 -12.96 12.73 4.06
C ASN A 210 -13.26 11.88 5.30
N GLY A 211 -12.25 11.68 6.15
CA GLY A 211 -12.41 10.96 7.42
C GLY A 211 -12.84 9.51 7.28
N PHE A 212 -12.67 8.96 6.07
CA PHE A 212 -13.06 7.58 5.76
C PHE A 212 -12.21 6.54 6.51
N HIS A 213 -10.93 6.85 6.72
CA HIS A 213 -10.06 6.03 7.56
C HIS A 213 -9.74 6.73 8.89
N ALA A 214 -9.19 6.00 9.84
CA ALA A 214 -8.70 6.58 11.09
C ALA A 214 -7.64 7.66 10.80
N PRO A 215 -7.59 8.74 11.61
CA PRO A 215 -8.40 9.07 12.79
C PRO A 215 -9.80 9.59 12.47
N GLY A 216 -10.21 9.54 11.21
CA GLY A 216 -11.56 9.91 10.84
C GLY A 216 -11.86 11.40 10.83
N ARG A 217 -10.86 12.22 10.56
CA ARG A 217 -11.04 13.68 10.58
C ARG A 217 -11.38 14.24 9.20
N CYS A 218 -12.19 15.31 9.21
CA CYS A 218 -12.54 16.07 8.02
C CYS A 218 -13.41 17.27 8.41
N SER A 219 -13.71 18.15 7.45
CA SER A 219 -14.54 19.33 7.70
C SER A 219 -15.88 18.96 8.38
N GLY A 220 -16.66 18.06 7.79
CA GLY A 220 -17.93 17.68 8.42
C GLY A 220 -17.84 16.93 9.75
N CYS A 221 -16.71 16.23 9.94
CA CYS A 221 -16.58 15.05 10.78
C CYS A 221 -16.83 15.20 12.30
N ASP A 222 -17.42 14.16 12.89
CA ASP A 222 -17.60 14.03 14.35
C ASP A 222 -16.30 14.24 15.15
N ALA A 223 -15.18 13.70 14.65
CA ALA A 223 -13.90 13.82 15.34
C ALA A 223 -13.24 15.20 15.13
N GLY A 224 -13.89 16.07 14.36
CA GLY A 224 -13.32 17.38 14.02
C GLY A 224 -12.45 17.31 12.78
N GLY A 225 -11.76 18.41 12.48
CA GLY A 225 -10.89 18.47 11.32
C GLY A 225 -11.19 19.61 10.37
N ASN A 226 -10.38 19.70 9.33
CA ASN A 226 -10.50 20.73 8.32
C ASN A 226 -9.94 20.13 7.06
N SER A 227 -10.81 19.87 6.08
CA SER A 227 -10.40 19.22 4.84
C SER A 227 -9.51 20.09 3.97
N THR A 228 -9.51 21.40 4.23
CA THR A 228 -8.74 22.34 3.40
C THR A 228 -7.26 22.44 3.77
N THR A 229 -6.93 22.03 4.99
CA THR A 229 -5.58 22.22 5.52
C THR A 229 -4.93 20.96 6.12
N GLU A 230 -5.73 20.13 6.79
CA GLU A 230 -5.18 18.98 7.51
C GLU A 230 -4.54 17.89 6.61
N PRO A 231 -5.14 17.56 5.45
CA PRO A 231 -4.47 16.59 4.57
C PRO A 231 -3.03 17.02 4.21
N TYR A 232 -2.86 18.31 3.89
CA TYR A 232 -1.56 18.87 3.50
C TYR A 232 -0.56 18.92 4.65
N LEU A 233 -1.07 19.13 5.85
CA LEU A 233 -0.24 19.14 7.06
C LEU A 233 0.22 17.73 7.41
N ALA A 234 -0.71 16.78 7.37
CA ALA A 234 -0.40 15.37 7.53
C ALA A 234 0.66 14.92 6.54
N ALA A 235 0.46 15.26 5.26
CA ALA A 235 1.36 14.82 4.19
C ALA A 235 2.78 15.36 4.37
N HIS A 236 2.86 16.64 4.72
CA HIS A 236 4.11 17.32 4.96
C HIS A 236 4.91 16.63 6.06
N HIS A 237 4.24 16.32 7.17
CA HIS A 237 4.90 15.60 8.26
C HIS A 237 5.23 14.15 7.95
N LEU A 238 4.43 13.49 7.11
CA LEU A 238 4.77 12.14 6.65
C LEU A 238 6.04 12.16 5.79
N ILE A 239 6.14 13.15 4.89
CA ILE A 239 7.33 13.33 4.05
C ILE A 239 8.59 13.58 4.93
N LEU A 240 8.47 14.48 5.91
CA LEU A 240 9.56 14.75 6.85
C LEU A 240 9.90 13.54 7.71
N SER A 241 8.89 12.80 8.14
CA SER A 241 9.11 11.60 8.94
C SER A 241 9.86 10.55 8.13
N HIS A 242 9.42 10.35 6.89
CA HIS A 242 10.14 9.52 5.96
C HIS A 242 11.62 9.93 5.83
N ALA A 243 11.86 11.21 5.56
CA ALA A 243 13.22 11.74 5.38
C ALA A 243 14.09 11.53 6.62
N ALA A 244 13.52 11.81 7.79
CA ALA A 244 14.21 11.62 9.07
C ALA A 244 14.56 10.15 9.36
N ALA A 245 13.62 9.24 9.05
CA ALA A 245 13.88 7.80 9.18
C ALA A 245 15.01 7.33 8.25
N VAL A 246 14.99 7.82 7.00
CA VAL A 246 16.01 7.50 5.98
C VAL A 246 17.40 8.05 6.36
N LYS A 247 17.46 9.24 6.94
CA LYS A 247 18.67 9.80 7.50
C LYS A 247 19.29 8.91 8.61
N ARG A 248 18.47 8.43 9.55
CA ARG A 248 18.95 7.47 10.55
C ARG A 248 19.56 6.26 9.86
N TYR A 249 18.84 5.70 8.90
CA TYR A 249 19.31 4.52 8.18
C TYR A 249 20.63 4.77 7.44
N ARG A 250 20.67 5.81 6.61
CA ARG A 250 21.88 6.15 5.86
C ARG A 250 23.12 6.43 6.74
N GLU A 251 22.94 7.20 7.81
CA GLU A 251 24.06 7.65 8.64
C GLU A 251 24.54 6.66 9.66
N LYS A 252 23.67 5.74 10.09
CA LYS A 252 23.98 4.85 11.20
C LYS A 252 24.03 3.37 10.86
N TYR A 253 23.31 2.94 9.82
CA TYR A 253 23.07 1.50 9.58
C TYR A 253 23.40 0.96 8.20
N GLN A 254 23.12 1.73 7.16
CA GLN A 254 23.16 1.23 5.78
C GLN A 254 24.52 0.67 5.36
N LEU A 255 25.61 1.38 5.66
CA LEU A 255 26.96 0.90 5.30
C LEU A 255 27.34 -0.43 5.96
N TYR A 256 26.81 -0.69 7.16
CA TYR A 256 27.13 -1.89 7.93
C TYR A 256 26.14 -3.04 7.64
N GLN A 257 24.86 -2.71 7.51
CA GLN A 257 23.83 -3.71 7.17
C GLN A 257 23.73 -4.01 5.66
N LYS A 258 24.10 -3.03 4.84
CA LYS A 258 24.11 -3.16 3.37
C LYS A 258 22.73 -3.48 2.77
N GLY A 259 21.71 -2.80 3.30
CA GLY A 259 20.35 -2.90 2.78
C GLY A 259 19.91 -1.64 2.05
N ARG A 260 18.63 -1.61 1.69
CA ARG A 260 18.06 -0.48 0.95
C ARG A 260 16.78 0.00 1.60
N ILE A 261 16.44 1.26 1.37
CA ILE A 261 15.23 1.83 1.92
C ILE A 261 14.45 2.64 0.87
N GLY A 262 13.12 2.59 0.94
CA GLY A 262 12.27 3.36 0.05
C GLY A 262 10.93 3.67 0.68
N ILE A 263 9.94 3.95 -0.16
CA ILE A 263 8.60 4.30 0.28
C ILE A 263 7.60 3.68 -0.71
N LEU A 264 6.38 3.36 -0.24
CA LEU A 264 5.36 2.77 -1.12
C LEU A 264 4.29 3.80 -1.47
N LEU A 265 4.19 4.16 -2.75
CA LEU A 265 3.22 5.18 -3.16
C LEU A 265 2.15 4.57 -4.05
N ASP A 266 0.88 4.84 -3.70
CA ASP A 266 -0.20 4.40 -4.56
C ASP A 266 -0.28 5.32 -5.78
N PHE A 267 -0.62 4.73 -6.92
CA PHE A 267 -0.68 5.45 -8.18
C PHE A 267 -1.79 4.90 -9.05
N VAL A 268 -2.89 5.64 -9.08
CA VAL A 268 -3.95 5.38 -10.05
C VAL A 268 -3.44 5.96 -11.38
N TRP A 269 -3.65 5.25 -12.48
CA TRP A 269 -3.36 5.89 -13.75
C TRP A 269 -4.52 6.79 -14.19
N TYR A 270 -4.21 8.03 -14.53
CA TYR A 270 -5.21 8.95 -15.06
C TYR A 270 -5.01 9.18 -16.56
N GLU A 271 -5.98 8.74 -17.33
CA GLU A 271 -5.94 8.82 -18.78
C GLU A 271 -6.77 10.01 -19.27
N PRO A 272 -6.20 10.85 -20.15
CA PRO A 272 -6.99 11.98 -20.67
C PRO A 272 -8.22 11.44 -21.40
N PHE A 273 -9.38 12.01 -21.09
CA PHE A 273 -10.63 11.59 -21.72
C PHE A 273 -10.57 11.81 -23.23
N SER A 274 -9.94 12.90 -23.66
CA SER A 274 -9.70 13.19 -25.07
C SER A 274 -8.30 13.79 -25.24
N ASP A 275 -7.90 14.00 -26.49
CA ASP A 275 -6.59 14.58 -26.83
C ASP A 275 -6.53 16.10 -26.65
N SER A 276 -7.63 16.73 -26.24
CA SER A 276 -7.64 18.19 -26.02
C SER A 276 -6.63 18.65 -24.95
N ASN A 277 -6.15 19.87 -25.04
CA ASN A 277 -5.19 20.38 -24.05
C ASN A 277 -5.76 20.40 -22.64
N ALA A 278 -7.05 20.74 -22.52
CA ALA A 278 -7.69 20.81 -21.21
C ALA A 278 -7.79 19.43 -20.54
N ASP A 279 -8.17 18.39 -21.29
CA ASP A 279 -8.26 17.04 -20.73
C ASP A 279 -6.87 16.49 -20.37
N ARG A 280 -5.88 16.70 -21.26
N ARG A 280 -5.88 16.73 -21.23
CA ARG A 280 -4.50 16.33 -20.99
CA ARG A 280 -4.49 16.31 -20.99
C ARG A 280 -3.98 16.97 -19.71
C ARG A 280 -3.85 17.02 -19.79
N ALA A 281 -4.22 18.28 -19.57
CA ALA A 281 -3.78 19.03 -18.40
C ALA A 281 -4.52 18.57 -17.13
N ALA A 282 -5.78 18.16 -17.30
CA ALA A 282 -6.58 17.59 -16.21
C ALA A 282 -5.94 16.28 -15.71
N ALA A 283 -5.58 15.40 -16.63
CA ALA A 283 -4.92 14.14 -16.29
C ALA A 283 -3.61 14.40 -15.54
N GLN A 284 -2.81 15.37 -16.02
CA GLN A 284 -1.55 15.72 -15.39
C GLN A 284 -1.74 16.25 -13.96
N ARG A 285 -2.76 17.08 -13.79
CA ARG A 285 -3.06 17.68 -12.50
C ARG A 285 -3.45 16.60 -11.48
N ALA A 286 -4.25 15.62 -11.90
CA ALA A 286 -4.55 14.47 -11.04
C ALA A 286 -3.29 13.64 -10.66
N ARG A 287 -2.38 13.43 -11.61
CA ARG A 287 -1.10 12.81 -11.30
C ARG A 287 -0.27 13.59 -10.27
N ASP A 288 -0.25 14.92 -10.41
CA ASP A 288 0.49 15.78 -9.48
C ASP A 288 -0.06 15.65 -8.07
N PHE A 289 -1.39 15.70 -7.96
CA PHE A 289 -2.04 15.68 -6.65
C PHE A 289 -2.04 14.31 -6.00
N HIS A 290 -1.93 13.26 -6.82
CA HIS A 290 -2.00 11.90 -6.34
C HIS A 290 -0.61 11.35 -6.03
N LEU A 291 0.29 11.45 -7.00
CA LEU A 291 1.62 10.88 -6.89
C LEU A 291 2.69 11.93 -6.66
N GLY A 292 2.65 13.00 -7.45
CA GLY A 292 3.63 14.09 -7.37
C GLY A 292 3.72 14.74 -6.00
N TRP A 293 2.59 14.82 -5.30
CA TRP A 293 2.52 15.27 -3.91
C TRP A 293 3.67 14.71 -3.06
N PHE A 294 3.97 13.46 -3.25
CA PHE A 294 5.03 12.81 -2.55
C PHE A 294 6.32 12.61 -3.34
N LEU A 295 6.23 12.26 -4.60
CA LEU A 295 7.41 11.98 -5.38
C LEU A 295 8.19 13.18 -5.90
N ASP A 296 7.54 14.29 -6.16
CA ASP A 296 8.21 15.53 -6.45
C ASP A 296 9.15 15.95 -5.32
N PRO A 297 8.68 16.09 -4.07
CA PRO A 297 9.60 16.31 -2.96
C PRO A 297 10.79 15.34 -2.91
N ILE A 298 10.52 14.06 -3.07
CA ILE A 298 11.56 13.06 -2.97
C ILE A 298 12.60 13.14 -4.11
N ILE A 299 12.15 13.35 -5.34
CA ILE A 299 13.05 13.39 -6.50
C ILE A 299 13.59 14.80 -6.81
N HIS A 300 12.70 15.79 -6.75
CA HIS A 300 13.06 17.17 -7.15
C HIS A 300 13.29 18.12 -5.98
N GLY A 301 12.89 17.73 -4.77
CA GLY A 301 13.09 18.57 -3.60
C GLY A 301 11.98 19.57 -3.35
N ARG A 302 10.93 19.52 -4.18
CA ARG A 302 9.84 20.51 -4.12
C ARG A 302 8.49 19.89 -4.46
N TYR A 303 7.41 20.55 -4.04
CA TYR A 303 6.05 20.11 -4.35
C TYR A 303 5.72 20.39 -5.82
N PRO A 304 4.74 19.67 -6.39
CA PRO A 304 4.36 19.94 -7.77
C PRO A 304 3.84 21.38 -7.98
N TYR A 305 4.12 21.95 -9.16
CA TYR A 305 3.75 23.33 -9.50
C TYR A 305 2.25 23.61 -9.38
N SER A 306 1.43 22.75 -9.97
CA SER A 306 -0.03 22.89 -9.89
C SER A 306 -0.54 22.96 -8.46
N MET A 307 0.02 22.14 -7.57
CA MET A 307 -0.37 22.15 -6.16
C MET A 307 -0.02 23.47 -5.49
N LEU A 308 1.22 23.92 -5.66
CA LEU A 308 1.66 25.19 -5.08
C LEU A 308 0.78 26.34 -5.55
N GLU A 309 0.42 26.35 -6.82
CA GLU A 309 -0.40 27.42 -7.38
C GLU A 309 -1.88 27.36 -6.97
N ILE A 310 -2.42 26.18 -6.82
CA ILE A 310 -3.83 26.02 -6.41
C ILE A 310 -4.01 26.13 -4.90
N VAL A 311 -3.18 25.41 -4.15
CA VAL A 311 -3.34 25.28 -2.70
C VAL A 311 -2.71 26.47 -1.96
N LYS A 312 -1.62 27.00 -2.53
CA LYS A 312 -0.95 28.19 -2.00
C LYS A 312 -0.57 28.02 -0.53
N ASP A 313 -1.02 28.97 0.29
CA ASP A 313 -0.69 29.04 1.71
C ASP A 313 -1.24 27.88 2.56
N ARG A 314 -2.21 27.13 2.02
CA ARG A 314 -2.75 25.96 2.71
C ARG A 314 -1.82 24.75 2.70
N MET A 315 -0.74 24.83 1.91
CA MET A 315 0.34 23.84 1.92
C MET A 315 1.56 24.36 2.66
N PRO A 316 2.15 23.54 3.54
CA PRO A 316 3.37 23.97 4.24
C PRO A 316 4.55 24.04 3.28
N THR A 317 5.62 24.71 3.71
CA THR A 317 6.81 24.81 2.88
C THR A 317 7.97 24.13 3.58
N PHE A 318 8.86 23.54 2.77
CA PHE A 318 10.11 22.99 3.28
C PHE A 318 11.11 24.12 3.46
N SER A 319 11.92 24.04 4.51
CA SER A 319 13.12 24.87 4.59
C SER A 319 14.15 24.31 3.62
N ASP A 320 15.21 25.07 3.35
CA ASP A 320 16.30 24.58 2.51
C ASP A 320 16.94 23.31 3.10
N GLU A 321 17.06 23.26 4.42
CA GLU A 321 17.58 22.12 5.16
C GLU A 321 16.67 20.87 5.07
N GLU A 322 15.35 21.08 5.13
CA GLU A 322 14.39 19.97 5.01
C GLU A 322 14.35 19.44 3.58
N SER A 323 14.38 20.37 2.64
CA SER A 323 14.38 20.07 1.21
C SER A 323 15.54 19.16 0.83
N ARG A 324 16.73 19.43 1.37
CA ARG A 324 17.92 18.61 1.12
C ARG A 324 17.83 17.24 1.80
N MET A 325 17.19 17.17 2.96
CA MET A 325 16.99 15.89 3.66
C MET A 325 16.03 14.98 2.86
N VAL A 326 14.96 15.58 2.33
CA VAL A 326 13.90 14.88 1.60
C VAL A 326 14.36 14.45 0.21
N LYS A 327 15.07 15.33 -0.49
CA LYS A 327 15.55 15.02 -1.83
C LYS A 327 16.53 13.82 -1.88
N ASP A 328 16.17 12.82 -2.69
CA ASP A 328 16.97 11.60 -2.89
C ASP A 328 16.99 10.70 -1.65
N SER A 329 15.90 10.77 -0.88
CA SER A 329 15.77 9.98 0.34
C SER A 329 15.13 8.61 0.09
N ILE A 330 15.42 8.02 -1.06
CA ILE A 330 14.98 6.66 -1.38
C ILE A 330 16.08 5.95 -2.13
N ASP A 331 16.16 4.63 -1.98
CA ASP A 331 16.98 3.82 -2.86
C ASP A 331 16.15 3.22 -3.98
N TYR A 332 14.84 3.13 -3.74
CA TYR A 332 13.89 2.73 -4.77
C TYR A 332 12.50 3.24 -4.38
N VAL A 333 11.59 3.29 -5.35
CA VAL A 333 10.22 3.66 -5.07
C VAL A 333 9.28 2.49 -5.35
N GLY A 334 8.43 2.16 -4.36
CA GLY A 334 7.37 1.20 -4.54
C GLY A 334 6.14 1.88 -5.15
N ILE A 335 5.66 1.34 -6.24
CA ILE A 335 4.43 1.82 -6.87
C ILE A 335 3.34 0.78 -6.64
N ASN A 336 2.35 1.12 -5.79
CA ASN A 336 1.17 0.30 -5.59
C ASN A 336 0.19 0.70 -6.68
N HIS A 337 -0.16 -0.22 -7.59
CA HIS A 337 -1.02 0.12 -8.72
C HIS A 337 -2.11 -0.91 -8.94
N TYR A 338 -3.34 -0.45 -9.10
CA TYR A 338 -4.49 -1.33 -9.25
C TYR A 338 -5.35 -0.98 -10.44
N THR A 339 -5.49 0.32 -10.71
CA THR A 339 -6.63 0.78 -11.54
C THR A 339 -6.37 2.10 -12.28
N SER A 340 -7.29 2.45 -13.17
CA SER A 340 -7.19 3.62 -14.04
C SER A 340 -8.55 4.25 -14.23
N PHE A 341 -8.56 5.58 -14.44
CA PHE A 341 -9.79 6.31 -14.80
C PHE A 341 -9.51 7.27 -15.94
N TYR A 342 -10.58 7.63 -16.68
CA TYR A 342 -10.53 8.76 -17.62
C TYR A 342 -10.63 10.06 -16.86
N MET A 343 -9.97 11.08 -17.39
CA MET A 343 -9.95 12.39 -16.74
C MET A 343 -10.36 13.52 -17.71
N LYS A 344 -11.30 14.34 -17.26
CA LYS A 344 -11.90 15.43 -18.05
C LYS A 344 -11.58 16.76 -17.38
N ASP A 345 -11.43 17.82 -18.16
CA ASP A 345 -11.48 19.16 -17.57
C ASP A 345 -12.92 19.35 -17.04
N PRO A 346 -13.05 19.83 -15.78
CA PRO A 346 -14.39 19.91 -15.21
C PRO A 346 -15.09 21.24 -15.56
N GLY A 347 -14.39 22.14 -16.24
CA GLY A 347 -14.90 23.46 -16.57
C GLY A 347 -14.34 24.52 -15.64
N PRO A 348 -15.03 25.66 -15.51
CA PRO A 348 -14.53 26.74 -14.64
C PRO A 348 -14.40 26.28 -13.19
N TRP A 349 -13.27 26.59 -12.55
CA TRP A 349 -13.03 26.12 -11.17
C TRP A 349 -13.60 27.06 -10.16
N ASN A 350 -14.27 26.49 -9.18
CA ASN A 350 -14.70 27.20 -8.00
C ASN A 350 -13.57 27.20 -7.02
N LEU A 351 -13.13 28.37 -6.57
CA LEU A 351 -11.87 28.44 -5.87
C LEU A 351 -11.94 28.68 -4.39
N THR A 352 -13.15 28.72 -3.89
CA THR A 352 -13.38 28.56 -2.46
C THR A 352 -12.87 27.20 -2.01
N PRO A 353 -11.92 27.19 -1.07
CA PRO A 353 -11.39 25.95 -0.49
C PRO A 353 -12.49 25.03 0.07
N THR A 354 -12.50 23.79 -0.43
CA THR A 354 -13.48 22.77 -0.03
C THR A 354 -12.75 21.57 0.60
N SER A 355 -11.82 20.99 -0.17
CA SER A 355 -11.09 19.81 0.26
C SER A 355 -9.88 19.53 -0.66
N TYR A 356 -8.96 18.70 -0.16
CA TYR A 356 -7.86 18.23 -0.97
C TYR A 356 -8.35 17.67 -2.32
N GLN A 357 -9.33 16.77 -2.27
CA GLN A 357 -9.89 16.14 -3.47
C GLN A 357 -10.47 17.18 -4.43
N ASP A 358 -11.12 18.19 -3.88
CA ASP A 358 -11.68 19.26 -4.69
C ASP A 358 -10.61 20.15 -5.31
N ASP A 359 -9.48 20.30 -4.59
CA ASP A 359 -8.33 21.05 -5.10
C ASP A 359 -7.76 20.52 -6.41
N TRP A 360 -8.01 19.26 -6.75
CA TRP A 360 -7.54 18.69 -8.02
C TRP A 360 -8.20 19.37 -9.23
N HIS A 361 -9.47 19.77 -9.09
CA HIS A 361 -10.24 20.40 -10.15
C HIS A 361 -10.26 19.56 -11.42
N VAL A 362 -10.75 18.33 -11.27
CA VAL A 362 -10.84 17.39 -12.38
C VAL A 362 -12.21 16.73 -12.36
N GLY A 363 -12.63 16.23 -13.51
CA GLY A 363 -13.80 15.36 -13.61
C GLY A 363 -13.36 13.93 -13.91
N PHE A 364 -14.03 12.97 -13.29
CA PHE A 364 -13.78 11.54 -13.51
C PHE A 364 -14.69 11.01 -14.60
N ALA A 365 -14.22 10.01 -15.33
CA ALA A 365 -15.07 9.27 -16.25
C ALA A 365 -14.66 7.81 -16.24
N TYR A 366 -15.64 6.93 -16.44
CA TYR A 366 -15.43 5.49 -16.30
C TYR A 366 -15.77 4.75 -17.59
N GLU A 367 -16.18 5.51 -18.60
CA GLU A 367 -16.54 4.96 -19.91
C GLU A 367 -16.35 6.00 -21.00
N ARG A 368 -16.22 5.53 -22.23
CA ARG A 368 -15.96 6.39 -23.38
C ARG A 368 -16.56 5.71 -24.61
N ASN A 369 -17.40 6.44 -25.35
CA ASN A 369 -18.17 5.89 -26.47
C ASN A 369 -18.97 4.65 -26.04
N GLY A 370 -19.70 4.78 -24.93
CA GLY A 370 -20.49 3.66 -24.40
C GLY A 370 -19.71 2.45 -23.86
N VAL A 371 -18.38 2.51 -23.91
CA VAL A 371 -17.53 1.40 -23.48
C VAL A 371 -16.87 1.71 -22.14
N PRO A 372 -17.11 0.85 -21.12
CA PRO A 372 -16.51 1.05 -19.80
C PRO A 372 -15.00 0.92 -19.94
N ILE A 373 -14.26 1.73 -19.17
CA ILE A 373 -12.79 1.64 -19.17
C ILE A 373 -12.35 0.19 -18.87
N GLY A 374 -13.12 -0.50 -18.04
CA GLY A 374 -12.92 -1.91 -17.76
C GLY A 374 -14.01 -2.42 -16.86
N ALA A 375 -14.03 -3.73 -16.63
CA ALA A 375 -14.97 -4.29 -15.67
C ALA A 375 -14.57 -3.85 -14.27
N GLN A 376 -15.51 -3.87 -13.34
CA GLN A 376 -15.24 -3.49 -11.98
C GLN A 376 -15.03 -4.75 -11.14
N ALA A 377 -14.13 -4.68 -10.16
CA ALA A 377 -13.99 -5.75 -9.18
C ALA A 377 -15.02 -5.49 -8.06
N ASN A 378 -14.96 -6.23 -6.97
CA ASN A 378 -15.85 -5.99 -5.83
C ASN A 378 -15.76 -4.55 -5.27
N SER A 379 -14.55 -4.04 -5.06
CA SER A 379 -14.32 -2.68 -4.51
C SER A 379 -14.80 -1.59 -5.45
N TYR A 380 -15.50 -0.59 -4.88
CA TYR A 380 -16.19 0.48 -5.62
C TYR A 380 -15.22 1.27 -6.52
N TRP A 381 -13.96 1.35 -6.09
CA TRP A 381 -12.92 2.10 -6.79
C TRP A 381 -12.09 1.27 -7.78
N LEU A 382 -12.32 -0.04 -7.84
CA LEU A 382 -11.38 -0.92 -8.55
C LEU A 382 -11.88 -1.37 -9.91
N TYR A 383 -11.37 -0.71 -10.94
CA TYR A 383 -11.66 -1.04 -12.32
C TYR A 383 -10.50 -1.82 -12.93
N ILE A 384 -10.83 -2.85 -13.71
CA ILE A 384 -9.83 -3.75 -14.29
C ILE A 384 -9.33 -3.24 -15.64
N VAL A 385 -8.17 -2.59 -15.61
CA VAL A 385 -7.62 -1.88 -16.78
C VAL A 385 -6.12 -2.22 -16.91
N PRO A 386 -5.80 -3.40 -17.47
CA PRO A 386 -4.39 -3.84 -17.48
C PRO A 386 -3.42 -2.86 -18.13
N TRP A 387 -3.85 -2.16 -19.18
CA TRP A 387 -2.94 -1.23 -19.87
C TRP A 387 -2.46 -0.07 -18.98
N GLY A 388 -3.25 0.26 -17.95
CA GLY A 388 -2.91 1.30 -17.00
C GLY A 388 -1.60 1.08 -16.27
N ILE A 389 -1.27 -0.17 -15.95
CA ILE A 389 0.00 -0.47 -15.29
C ILE A 389 1.18 -0.12 -16.18
N ASN A 390 1.02 -0.33 -17.49
CA ASN A 390 2.08 0.00 -18.44
C ASN A 390 2.29 1.51 -18.49
N LYS A 391 1.19 2.24 -18.69
CA LYS A 391 1.23 3.69 -18.67
C LYS A 391 1.81 4.26 -17.38
N ALA A 392 1.35 3.72 -16.24
CA ALA A 392 1.79 4.21 -14.92
C ALA A 392 3.29 4.12 -14.70
N VAL A 393 3.84 2.92 -14.94
CA VAL A 393 5.26 2.64 -14.80
C VAL A 393 6.12 3.41 -15.81
N THR A 394 5.65 3.52 -17.05
CA THR A 394 6.33 4.31 -18.08
C THR A 394 6.37 5.79 -17.68
N TYR A 395 5.28 6.29 -17.17
CA TYR A 395 5.22 7.61 -16.66
C TYR A 395 6.25 7.89 -15.56
N VAL A 396 6.47 6.97 -14.65
CA VAL A 396 7.44 7.12 -13.62
C VAL A 396 8.87 7.10 -14.14
N LYS A 397 9.11 6.24 -15.11
CA LYS A 397 10.38 6.15 -15.77
C LYS A 397 10.73 7.48 -16.42
N GLU A 398 9.84 7.99 -17.21
CA GLU A 398 10.09 9.21 -18.00
C GLU A 398 10.07 10.50 -17.19
N THR A 399 9.30 10.52 -16.10
CA THR A 399 9.13 11.74 -15.33
C THR A 399 10.16 11.89 -14.21
N TYR A 400 10.58 10.77 -13.62
CA TYR A 400 11.43 10.83 -12.43
C TYR A 400 12.83 10.25 -12.63
N GLY A 401 13.34 10.35 -13.85
CA GLY A 401 14.75 10.05 -14.13
C GLY A 401 15.08 8.58 -14.12
N ASN A 402 14.16 7.78 -14.67
CA ASN A 402 14.17 6.32 -14.50
C ASN A 402 14.66 5.82 -13.13
N PRO A 403 13.81 6.00 -12.09
CA PRO A 403 14.20 5.53 -10.75
C PRO A 403 14.14 4.01 -10.68
N THR A 404 14.85 3.41 -9.73
CA THR A 404 14.65 1.98 -9.43
C THR A 404 13.29 1.80 -8.77
N MET A 405 12.51 0.84 -9.28
CA MET A 405 11.11 0.70 -8.94
C MET A 405 10.80 -0.70 -8.46
N ILE A 406 9.89 -0.80 -7.51
CA ILE A 406 9.28 -2.08 -7.18
C ILE A 406 7.78 -1.89 -7.42
N LEU A 407 7.20 -2.72 -8.24
CA LEU A 407 5.78 -2.85 -8.29
C LEU A 407 5.18 -3.53 -7.09
N SER A 408 4.83 -2.72 -6.11
CA SER A 408 4.76 -3.18 -4.73
C SER A 408 3.42 -3.67 -4.23
N GLU A 409 2.36 -3.47 -5.02
CA GLU A 409 1.02 -4.04 -4.76
C GLU A 409 0.26 -4.06 -6.07
N ASN A 410 -0.48 -5.15 -6.29
CA ASN A 410 -1.34 -5.27 -7.48
C ASN A 410 -2.25 -6.44 -7.17
N GLY A 411 -3.53 -6.33 -7.49
CA GLY A 411 -4.48 -7.39 -7.17
C GLY A 411 -5.91 -6.94 -7.32
N MET A 412 -6.84 -7.83 -7.00
CA MET A 412 -8.24 -7.48 -7.05
C MET A 412 -9.09 -8.28 -6.05
N ASP A 413 -10.31 -7.81 -5.84
CA ASP A 413 -11.17 -8.44 -4.84
C ASP A 413 -12.45 -9.07 -5.38
N GLN A 414 -12.87 -10.14 -4.70
CA GLN A 414 -14.16 -10.78 -4.86
C GLN A 414 -14.98 -10.33 -3.64
N PRO A 415 -16.31 -10.48 -3.71
CA PRO A 415 -17.11 -10.20 -2.52
C PRO A 415 -16.85 -11.20 -1.40
N GLY A 416 -16.98 -10.76 -0.16
CA GLY A 416 -16.82 -11.61 1.02
C GLY A 416 -17.81 -12.76 1.06
N ASN A 417 -19.04 -12.50 0.61
CA ASN A 417 -20.11 -13.50 0.61
C ASN A 417 -20.01 -14.47 -0.59
N VAL A 418 -18.93 -15.24 -0.64
CA VAL A 418 -18.80 -16.45 -1.48
C VAL A 418 -18.40 -17.61 -0.60
N SER A 419 -18.76 -18.82 -1.03
CA SER A 419 -18.36 -20.04 -0.36
C SER A 419 -16.92 -20.41 -0.70
N ILE A 420 -16.36 -21.39 0.01
CA ILE A 420 -15.07 -21.98 -0.34
C ILE A 420 -15.15 -22.48 -1.77
N THR A 421 -16.21 -23.24 -2.06
CA THR A 421 -16.39 -23.94 -3.33
C THR A 421 -16.30 -23.01 -4.54
N GLN A 422 -17.01 -21.88 -4.49
CA GLN A 422 -16.91 -20.92 -5.59
C GLN A 422 -15.74 -19.94 -5.45
N GLY A 423 -15.36 -19.62 -4.21
CA GLY A 423 -14.31 -18.63 -3.94
C GLY A 423 -12.95 -19.00 -4.50
N VAL A 424 -12.63 -20.29 -4.50
CA VAL A 424 -11.31 -20.76 -4.94
C VAL A 424 -11.16 -20.79 -6.47
N HIS A 425 -12.27 -20.76 -7.19
CA HIS A 425 -12.22 -20.70 -8.64
C HIS A 425 -12.32 -19.26 -9.14
N ASP A 426 -11.25 -18.52 -8.87
CA ASP A 426 -11.18 -17.08 -9.12
C ASP A 426 -10.52 -16.80 -10.47
N THR A 427 -11.15 -17.28 -11.55
CA THR A 427 -10.54 -17.12 -12.87
C THR A 427 -10.46 -15.65 -13.34
N VAL A 428 -11.35 -14.78 -12.83
CA VAL A 428 -11.24 -13.34 -13.06
C VAL A 428 -9.91 -12.78 -12.51
N ARG A 429 -9.48 -13.31 -11.36
CA ARG A 429 -8.21 -12.95 -10.75
C ARG A 429 -6.99 -13.49 -11.52
N ILE A 430 -7.10 -14.71 -12.08
CA ILE A 430 -6.04 -15.21 -12.96
C ILE A 430 -5.85 -14.25 -14.14
N ARG A 431 -6.95 -13.89 -14.77
CA ARG A 431 -6.96 -12.97 -15.89
C ARG A 431 -6.34 -11.62 -15.52
N TYR A 432 -6.75 -11.10 -14.35
CA TYR A 432 -6.22 -9.84 -13.86
C TYR A 432 -4.70 -9.89 -13.79
N TYR A 433 -4.16 -10.88 -13.09
CA TYR A 433 -2.71 -11.02 -12.95
C TYR A 433 -1.98 -11.29 -14.28
N ARG A 434 -2.49 -12.24 -15.07
CA ARG A 434 -1.89 -12.52 -16.38
C ARG A 434 -1.77 -11.28 -17.23
N ASN A 435 -2.85 -10.51 -17.33
CA ASN A 435 -2.89 -9.29 -18.15
C ASN A 435 -2.06 -8.11 -17.58
N TYR A 436 -2.17 -7.85 -16.29
CA TYR A 436 -1.37 -6.79 -15.68
C TYR A 436 0.13 -7.10 -15.71
N ILE A 437 0.50 -8.31 -15.32
CA ILE A 437 1.91 -8.71 -15.36
C ILE A 437 2.48 -8.64 -16.79
N THR A 438 1.65 -8.99 -17.79
CA THR A 438 2.01 -8.89 -19.21
C THR A 438 2.26 -7.44 -19.62
N GLU A 439 1.36 -6.54 -19.22
CA GLU A 439 1.54 -5.10 -19.46
C GLU A 439 2.77 -4.53 -18.74
N LEU A 440 2.99 -5.01 -17.52
CA LEU A 440 4.19 -4.64 -16.77
C LEU A 440 5.48 -5.09 -17.48
N LYS A 441 5.47 -6.31 -18.02
N LYS A 441 5.45 -6.31 -18.00
CA LYS A 441 6.62 -6.84 -18.74
CA LYS A 441 6.55 -6.91 -18.77
C LYS A 441 7.01 -5.97 -19.94
C LYS A 441 6.99 -6.01 -19.93
N LYS A 442 6.01 -5.47 -20.66
CA LYS A 442 6.25 -4.57 -21.78
C LYS A 442 6.97 -3.29 -21.34
N ALA A 443 6.50 -2.69 -20.23
CA ALA A 443 7.09 -1.47 -19.67
C ALA A 443 8.55 -1.70 -19.34
N ILE A 444 8.84 -2.85 -18.73
CA ILE A 444 10.18 -3.27 -18.36
C ILE A 444 11.04 -3.49 -19.61
N ASP A 445 10.48 -4.21 -20.58
CA ASP A 445 11.15 -4.47 -21.87
C ASP A 445 11.48 -3.16 -22.58
N ASP A 446 10.73 -2.10 -22.29
CA ASP A 446 10.95 -0.79 -22.90
C ASP A 446 11.80 0.17 -22.04
N GLY A 447 12.49 -0.38 -21.05
CA GLY A 447 13.49 0.35 -20.28
C GLY A 447 13.23 0.67 -18.81
N ALA A 448 12.06 0.31 -18.29
CA ALA A 448 11.72 0.65 -16.90
C ALA A 448 12.44 -0.25 -15.91
N LYS A 449 13.16 0.37 -14.98
CA LYS A 449 13.95 -0.36 -13.98
C LYS A 449 13.10 -0.92 -12.83
N VAL A 450 12.16 -1.79 -13.17
CA VAL A 450 11.38 -2.47 -12.16
C VAL A 450 12.17 -3.71 -11.73
N ILE A 451 12.41 -3.83 -10.43
CA ILE A 451 13.20 -4.91 -9.86
C ILE A 451 12.40 -5.96 -9.05
N GLY A 452 11.09 -5.76 -8.94
CA GLY A 452 10.25 -6.66 -8.14
C GLY A 452 8.76 -6.41 -8.35
N TYR A 453 7.95 -7.43 -8.07
CA TYR A 453 6.51 -7.37 -8.23
C TYR A 453 5.88 -8.12 -7.06
N PHE A 454 4.94 -7.46 -6.37
CA PHE A 454 4.27 -8.06 -5.21
C PHE A 454 2.76 -8.05 -5.39
N ALA A 455 2.16 -9.22 -5.23
CA ALA A 455 0.70 -9.38 -5.29
C ALA A 455 0.08 -8.97 -3.96
N TRP A 456 -0.98 -8.18 -4.02
CA TRP A 456 -1.84 -7.98 -2.86
C TRP A 456 -3.07 -8.89 -3.04
N SER A 457 -3.28 -9.90 -2.18
CA SER A 457 -2.47 -10.26 -1.02
C SER A 457 -2.41 -11.80 -0.99
N LEU A 458 -1.59 -12.38 -0.10
CA LEU A 458 -1.60 -13.84 0.05
C LEU A 458 -2.98 -14.32 0.50
N LEU A 459 -3.49 -13.71 1.58
CA LEU A 459 -4.73 -14.19 2.18
C LEU A 459 -5.86 -13.21 2.06
N ASP A 460 -7.09 -13.72 2.05
CA ASP A 460 -8.24 -12.87 2.27
C ASP A 460 -8.04 -12.30 3.67
N ASN A 461 -8.29 -11.01 3.84
CA ASN A 461 -8.01 -10.37 5.11
C ASN A 461 -8.96 -9.22 5.46
N PHE A 462 -8.66 -8.52 6.56
CA PHE A 462 -9.49 -7.41 7.02
C PHE A 462 -9.23 -6.21 6.09
N GLU A 463 -10.25 -5.82 5.35
CA GLU A 463 -10.09 -4.84 4.30
C GLU A 463 -10.61 -3.46 4.74
N TRP A 464 -10.02 -2.97 5.84
CA TRP A 464 -10.33 -1.66 6.46
C TRP A 464 -11.83 -1.38 6.59
N ARG A 465 -12.34 -0.30 5.98
CA ARG A 465 -13.78 0.01 6.07
C ARG A 465 -14.71 -1.05 5.47
N LEU A 466 -14.20 -1.85 4.53
CA LEU A 466 -15.01 -2.94 3.96
C LEU A 466 -15.01 -4.18 4.84
N GLY A 467 -14.13 -4.21 5.85
CA GLY A 467 -14.02 -5.35 6.75
C GLY A 467 -13.79 -6.65 6.00
N TYR A 468 -14.67 -7.62 6.23
CA TYR A 468 -14.54 -8.94 5.60
C TYR A 468 -15.51 -9.11 4.44
N THR A 469 -15.96 -7.99 3.86
CA THR A 469 -16.89 -8.06 2.74
C THR A 469 -16.15 -8.02 1.40
N SER A 470 -14.82 -8.09 1.46
CA SER A 470 -13.94 -7.98 0.32
C SER A 470 -12.81 -9.00 0.44
N ARG A 471 -12.59 -9.79 -0.60
CA ARG A 471 -11.58 -10.84 -0.57
C ARG A 471 -10.49 -10.62 -1.62
N PHE A 472 -9.32 -10.15 -1.19
CA PHE A 472 -8.18 -9.83 -2.08
C PHE A 472 -7.16 -10.97 -2.24
N GLY A 473 -7.33 -12.04 -1.49
CA GLY A 473 -6.34 -13.09 -1.43
C GLY A 473 -6.25 -13.97 -2.67
N ILE A 474 -5.07 -14.52 -2.88
CA ILE A 474 -4.91 -15.66 -3.77
C ILE A 474 -5.08 -16.95 -2.96
N VAL A 475 -5.38 -16.78 -1.67
CA VAL A 475 -5.72 -17.90 -0.76
C VAL A 475 -7.03 -17.57 -0.01
N TYR A 476 -8.04 -18.42 -0.17
CA TYR A 476 -9.31 -18.25 0.52
C TYR A 476 -9.16 -18.61 1.99
N VAL A 477 -9.64 -17.73 2.87
CA VAL A 477 -9.72 -18.02 4.30
C VAL A 477 -11.19 -18.18 4.73
N ASP A 478 -11.50 -19.35 5.29
CA ASP A 478 -12.79 -19.61 5.91
C ASP A 478 -12.73 -18.91 7.27
N TYR A 479 -13.55 -17.88 7.46
CA TYR A 479 -13.48 -17.08 8.68
C TYR A 479 -14.05 -17.77 9.93
N LYS A 480 -14.84 -18.82 9.73
CA LYS A 480 -15.36 -19.61 10.83
C LYS A 480 -14.25 -20.46 11.47
N THR A 481 -13.37 -21.02 10.63
CA THR A 481 -12.37 -22.00 11.07
C THR A 481 -10.94 -21.48 10.94
N LEU A 482 -10.78 -20.43 10.15
CA LEU A 482 -9.47 -19.87 9.78
C LEU A 482 -8.60 -20.80 8.93
N LYS A 483 -9.22 -21.84 8.36
CA LYS A 483 -8.54 -22.70 7.40
C LYS A 483 -8.26 -21.94 6.10
N ARG A 484 -7.08 -22.21 5.55
CA ARG A 484 -6.62 -21.66 4.27
C ARG A 484 -6.90 -22.60 3.12
N TYR A 485 -7.47 -22.08 2.03
CA TYR A 485 -7.69 -22.82 0.79
C TYR A 485 -7.11 -22.04 -0.41
N PRO A 486 -5.96 -22.48 -0.95
CA PRO A 486 -5.39 -21.81 -2.12
C PRO A 486 -6.35 -21.72 -3.30
N LYS A 487 -6.47 -20.52 -3.87
CA LYS A 487 -7.34 -20.34 -5.00
C LYS A 487 -6.60 -20.76 -6.25
N ASP A 488 -7.34 -20.90 -7.34
CA ASP A 488 -6.77 -21.20 -8.63
C ASP A 488 -5.66 -20.19 -8.98
N SER A 489 -5.81 -18.93 -8.56
CA SER A 489 -4.77 -17.92 -8.83
C SER A 489 -3.44 -18.21 -8.15
N ALA A 490 -3.48 -18.78 -6.93
CA ALA A 490 -2.24 -19.22 -6.25
C ALA A 490 -1.47 -20.25 -7.09
N PHE A 491 -2.20 -21.26 -7.59
CA PHE A 491 -1.63 -22.31 -8.45
C PHE A 491 -1.20 -21.76 -9.81
N TRP A 492 -1.89 -20.74 -10.29
CA TRP A 492 -1.47 -20.05 -11.51
C TRP A 492 -0.09 -19.41 -11.32
N PHE A 493 0.13 -18.79 -10.16
CA PHE A 493 1.45 -18.26 -9.83
C PHE A 493 2.50 -19.36 -9.71
N LYS A 494 2.12 -20.45 -9.04
CA LYS A 494 3.04 -21.56 -8.80
C LYS A 494 3.52 -22.13 -10.13
N ASN A 495 2.60 -22.34 -11.04
CA ASN A 495 2.94 -22.77 -12.38
C ASN A 495 3.78 -21.73 -13.16
N MET A 496 3.35 -20.47 -13.16
CA MET A 496 4.07 -19.42 -13.89
C MET A 496 5.51 -19.24 -13.39
N LEU A 497 5.71 -19.36 -12.08
CA LEU A 497 6.99 -19.11 -11.43
C LEU A 497 7.99 -20.26 -11.41
N SER A 498 7.60 -21.45 -11.89
CA SER A 498 8.44 -22.64 -11.71
C SER A 498 9.27 -22.94 -12.95
#